data_8ORL
#
_entry.id   8ORL
#
_cell.length_a   70.348
_cell.length_b   89.862
_cell.length_c   98.309
_cell.angle_alpha   90.000
_cell.angle_beta   90.000
_cell.angle_gamma   90.000
#
_symmetry.space_group_name_H-M   'C 2 2 21'
#
loop_
_entity.id
_entity.type
_entity.pdbx_description
1 polymer Titin
2 non-polymer 'ZINC ION'
3 non-polymer 'CHLORIDE ION'
4 water water
#
_entity_poly.entity_id   1
_entity_poly.type   'polypeptide(L)'
_entity_poly.pdbx_seq_one_letter_code
;GSSGPPGPPEKPEVSNVTKNTATVSWKRPVDDGGSEITGYHVERREKKSLRWVRAIKTPVSDLRCKVTGLQEGSTYEFRV
SAENRAGIGPPGEASDSVLMKDAAY
;
_entity_poly.pdbx_strand_id   A,B,C
#
loop_
_chem_comp.id
_chem_comp.type
_chem_comp.name
_chem_comp.formula
CL non-polymer 'CHLORIDE ION' 'Cl -1'
ZN non-polymer 'ZINC ION' 'Zn 2'
#
# COMPACT_ATOMS: atom_id res chain seq x y z
N SER A 3 0.92 14.31 -13.09
CA SER A 3 0.83 13.30 -12.04
C SER A 3 2.20 12.89 -11.53
N GLY A 4 2.43 13.14 -10.24
CA GLY A 4 3.72 12.93 -9.63
C GLY A 4 3.58 12.27 -8.27
N PRO A 5 4.57 12.43 -7.40
CA PRO A 5 4.53 11.74 -6.11
C PRO A 5 3.49 12.37 -5.19
N PRO A 6 3.17 11.70 -4.09
CA PRO A 6 2.18 12.25 -3.16
C PRO A 6 2.72 13.46 -2.41
N GLY A 7 1.80 14.17 -1.76
CA GLY A 7 2.16 15.17 -0.79
C GLY A 7 2.49 14.55 0.55
N PRO A 8 2.77 15.42 1.53
CA PRO A 8 3.14 14.94 2.87
C PRO A 8 1.93 14.36 3.59
N PRO A 9 2.12 13.25 4.30
CA PRO A 9 1.13 12.85 5.30
C PRO A 9 1.11 13.83 6.45
N GLU A 10 0.05 13.72 7.24
CA GLU A 10 -0.14 14.54 8.42
C GLU A 10 0.74 14.06 9.58
N LYS A 11 0.65 14.75 10.71
CA LYS A 11 1.48 14.44 11.87
C LYS A 11 1.10 13.08 12.45
N PRO A 12 2.04 12.15 12.64
CA PRO A 12 1.68 10.83 13.15
C PRO A 12 1.37 10.89 14.64
N GLU A 13 0.62 9.88 15.08
CA GLU A 13 0.37 9.63 16.49
CA GLU A 13 0.39 9.64 16.50
C GLU A 13 1.18 8.41 16.95
N VAL A 14 1.68 8.47 18.18
CA VAL A 14 2.46 7.39 18.76
C VAL A 14 1.72 6.86 19.96
N SER A 15 1.63 5.54 20.07
CA SER A 15 0.85 4.91 21.13
C SER A 15 1.47 3.59 21.53
N ASN A 16 0.92 3.02 22.61
CA ASN A 16 1.30 1.69 23.07
C ASN A 16 2.81 1.56 23.31
N VAL A 17 3.39 2.56 23.95
CA VAL A 17 4.84 2.64 24.06
C VAL A 17 5.33 1.68 25.13
N THR A 18 6.34 0.88 24.80
CA THR A 18 6.99 -0.01 25.75
C THR A 18 8.44 0.40 25.89
N LYS A 19 9.29 -0.47 26.44
CA LYS A 19 10.70 -0.11 26.55
C LYS A 19 11.41 -0.13 25.21
N ASN A 20 10.88 -0.84 24.19
CA ASN A 20 11.59 -0.91 22.92
C ASN A 20 10.67 -0.96 21.71
N THR A 21 9.38 -0.69 21.86
CA THR A 21 8.45 -0.73 20.73
C THR A 21 7.42 0.37 20.91
N ALA A 22 6.78 0.72 19.79
CA ALA A 22 5.68 1.67 19.83
C ALA A 22 4.86 1.47 18.57
N THR A 23 3.59 1.86 18.65
CA THR A 23 2.74 1.94 17.47
C THR A 23 2.78 3.36 16.93
N VAL A 24 2.94 3.49 15.62
CA VAL A 24 2.90 4.77 14.93
C VAL A 24 1.75 4.68 13.94
N SER A 25 0.90 5.70 13.93
CA SER A 25 -0.29 5.74 13.08
CA SER A 25 -0.26 5.72 13.05
C SER A 25 -0.38 7.09 12.40
N TRP A 26 -1.03 7.11 11.23
CA TRP A 26 -1.12 8.34 10.44
C TRP A 26 -2.35 8.25 9.54
N LYS A 27 -2.60 9.34 8.81
CA LYS A 27 -3.68 9.41 7.83
C LYS A 27 -3.13 9.41 6.42
N ARG A 28 -3.99 9.06 5.46
CA ARG A 28 -3.60 9.12 4.07
C ARG A 28 -3.33 10.57 3.69
N PRO A 29 -2.28 10.86 2.91
CA PRO A 29 -2.06 12.24 2.47
C PRO A 29 -3.27 12.75 1.71
N VAL A 30 -3.58 14.03 1.91
CA VAL A 30 -4.67 14.64 1.19
C VAL A 30 -4.39 14.65 -0.30
N ASP A 31 -3.13 14.85 -0.68
CA ASP A 31 -2.71 14.95 -2.08
C ASP A 31 -1.96 13.66 -2.40
N ASP A 32 -2.53 12.83 -3.25
CA ASP A 32 -1.86 11.61 -3.69
C ASP A 32 -1.06 11.79 -4.97
N GLY A 33 -1.00 13.01 -5.48
CA GLY A 33 -0.26 13.23 -6.71
C GLY A 33 -0.92 12.72 -7.96
N GLY A 34 -2.14 12.19 -7.86
CA GLY A 34 -2.85 11.69 -9.02
C GLY A 34 -2.84 10.18 -9.20
N SER A 35 -2.22 9.43 -8.29
CA SER A 35 -2.13 7.99 -8.40
CA SER A 35 -2.25 7.99 -8.40
C SER A 35 -2.23 7.36 -7.01
N GLU A 36 -2.64 6.09 -6.99
CA GLU A 36 -2.86 5.37 -5.75
C GLU A 36 -1.59 5.32 -4.90
N ILE A 37 -1.76 5.46 -3.60
CA ILE A 37 -0.65 5.34 -2.67
C ILE A 37 -0.34 3.86 -2.52
N THR A 38 0.92 3.49 -2.70
CA THR A 38 1.33 2.11 -2.62
C THR A 38 2.10 1.78 -1.34
N GLY A 39 2.63 2.78 -0.65
CA GLY A 39 3.38 2.47 0.55
C GLY A 39 3.75 3.71 1.33
N TYR A 40 4.22 3.47 2.56
CA TYR A 40 4.63 4.51 3.48
C TYR A 40 5.99 4.16 4.09
N HIS A 41 6.90 5.14 4.06
CA HIS A 41 8.15 5.07 4.81
C HIS A 41 7.92 5.70 6.17
N VAL A 42 8.41 5.07 7.22
CA VAL A 42 8.38 5.63 8.56
C VAL A 42 9.81 5.83 9.00
N GLU A 43 10.14 7.04 9.43
CA GLU A 43 11.46 7.37 9.93
C GLU A 43 11.36 7.81 11.39
N ARG A 44 12.50 7.71 12.08
CA ARG A 44 12.60 8.08 13.48
C ARG A 44 13.83 8.97 13.67
N ARG A 45 13.78 9.80 14.70
CA ARG A 45 14.90 10.65 15.06
C ARG A 45 14.93 10.72 16.59
N GLU A 46 16.07 10.39 17.17
CA GLU A 46 16.21 10.56 18.61
C GLU A 46 16.19 12.05 18.96
N LYS A 47 15.56 12.37 20.09
CA LYS A 47 15.38 13.75 20.55
C LYS A 47 16.71 14.51 20.55
N LYS A 48 16.69 15.66 19.86
CA LYS A 48 17.80 16.62 19.74
C LYS A 48 18.97 16.10 18.91
N SER A 49 18.84 14.92 18.32
CA SER A 49 19.73 14.49 17.25
C SER A 49 19.22 15.04 15.92
N LEU A 50 20.10 15.06 14.91
CA LEU A 50 19.78 15.74 13.65
C LEU A 50 19.30 14.81 12.54
N ARG A 51 19.74 13.57 12.49
CA ARG A 51 19.50 12.71 11.34
C ARG A 51 18.22 11.88 11.53
N TRP A 52 17.40 11.85 10.49
CA TRP A 52 16.26 10.93 10.42
C TRP A 52 16.73 9.61 9.84
N VAL A 53 16.32 8.51 10.45
CA VAL A 53 16.71 7.19 10.00
C VAL A 53 15.49 6.29 9.84
N ARG A 54 15.64 5.28 8.99
CA ARG A 54 14.57 4.32 8.75
C ARG A 54 14.14 3.68 10.06
N ALA A 55 12.83 3.62 10.29
CA ALA A 55 12.32 3.01 11.50
C ALA A 55 11.68 1.65 11.26
N ILE A 56 11.48 1.29 10.00
CA ILE A 56 10.94 0.01 9.56
C ILE A 56 11.82 -0.46 8.41
N LYS A 57 11.88 -1.78 8.20
CA LYS A 57 12.83 -2.31 7.22
C LYS A 57 12.39 -2.03 5.79
N THR A 58 11.10 -2.11 5.51
CA THR A 58 10.53 -1.86 4.20
C THR A 58 9.21 -1.14 4.38
N PRO A 59 8.69 -0.50 3.34
CA PRO A 59 7.46 0.29 3.51
C PRO A 59 6.24 -0.58 3.82
N VAL A 60 5.31 0.02 4.55
CA VAL A 60 4.03 -0.61 4.84
C VAL A 60 2.95 0.02 3.97
N SER A 61 1.86 -0.73 3.74
CA SER A 61 0.73 -0.19 3.00
C SER A 61 -0.41 0.27 3.90
N ASP A 62 -0.53 -0.29 5.09
CA ASP A 62 -1.52 0.14 6.06
C ASP A 62 -1.07 1.47 6.68
N LEU A 63 -2.00 2.12 7.39
CA LEU A 63 -1.78 3.45 7.95
C LEU A 63 -1.28 3.37 9.38
N ARG A 64 -0.64 2.27 9.74
CA ARG A 64 0.02 2.21 11.04
C ARG A 64 0.96 1.02 11.04
N CYS A 65 1.85 1.03 12.02
CA CYS A 65 2.80 -0.05 12.14
C CYS A 65 3.32 -0.10 13.57
N LYS A 66 3.82 -1.28 13.93
CA LYS A 66 4.51 -1.47 15.20
C LYS A 66 6.00 -1.32 14.94
N VAL A 67 6.59 -0.23 15.44
CA VAL A 67 8.02 0.01 15.31
CA VAL A 67 8.02 -0.01 15.29
C VAL A 67 8.74 -0.74 16.41
N THR A 68 9.84 -1.40 16.06
CA THR A 68 10.62 -2.15 17.01
C THR A 68 12.07 -1.69 16.92
N GLY A 69 12.91 -2.27 17.77
CA GLY A 69 14.32 -1.97 17.74
C GLY A 69 14.68 -0.62 18.30
N LEU A 70 13.82 -0.08 19.16
CA LEU A 70 14.06 1.22 19.77
C LEU A 70 14.82 1.00 21.07
N GLN A 71 15.70 1.94 21.40
CA GLN A 71 16.57 1.78 22.55
C GLN A 71 15.86 2.20 23.83
N GLU A 72 15.83 1.30 24.81
CA GLU A 72 15.24 1.66 26.08
C GLU A 72 15.94 2.87 26.67
N GLY A 73 15.15 3.79 27.21
CA GLY A 73 15.69 5.01 27.79
C GLY A 73 15.87 6.16 26.83
N SER A 74 15.76 5.93 25.52
CA SER A 74 15.89 6.99 24.53
C SER A 74 14.53 7.62 24.25
N THR A 75 14.58 8.82 23.67
CA THR A 75 13.40 9.59 23.31
C THR A 75 13.41 9.77 21.81
N TYR A 76 12.26 9.49 21.18
CA TYR A 76 12.18 9.50 19.73
C TYR A 76 10.97 10.29 19.24
N GLU A 77 11.11 10.82 18.03
CA GLU A 77 9.99 11.31 17.24
C GLU A 77 9.98 10.58 15.91
N PHE A 78 8.83 10.57 15.24
CA PHE A 78 8.63 9.80 14.04
C PHE A 78 7.96 10.66 12.96
N ARG A 79 8.24 10.34 11.71
CA ARG A 79 7.57 11.01 10.60
C ARG A 79 7.34 10.01 9.47
N VAL A 80 6.39 10.32 8.61
CA VAL A 80 5.94 9.42 7.55
C VAL A 80 6.04 10.11 6.20
N SER A 81 6.42 9.34 5.19
CA SER A 81 6.42 9.76 3.80
C SER A 81 5.63 8.74 3.00
N ALA A 82 4.91 9.21 1.99
CA ALA A 82 4.07 8.34 1.17
C ALA A 82 4.68 8.18 -0.21
N GLU A 83 4.45 7.02 -0.82
CA GLU A 83 4.90 6.83 -2.18
C GLU A 83 3.78 6.28 -3.04
N ASN A 84 3.88 6.58 -4.34
CA ASN A 84 3.01 6.01 -5.35
C ASN A 84 3.89 5.57 -6.52
N ARG A 85 3.28 5.28 -7.67
CA ARG A 85 4.05 4.78 -8.80
C ARG A 85 5.12 5.75 -9.26
N ALA A 86 4.91 7.04 -9.05
CA ALA A 86 5.88 8.05 -9.46
C ALA A 86 7.02 8.23 -8.47
N GLY A 87 6.92 7.62 -7.28
CA GLY A 87 7.96 7.73 -6.28
C GLY A 87 7.51 8.32 -4.95
N ILE A 88 8.48 8.71 -4.13
CA ILE A 88 8.23 9.14 -2.77
C ILE A 88 7.98 10.64 -2.72
N GLY A 89 7.05 11.05 -1.85
CA GLY A 89 6.78 12.44 -1.62
C GLY A 89 7.58 12.96 -0.44
N PRO A 90 7.37 14.23 -0.10
CA PRO A 90 8.10 14.81 1.03
C PRO A 90 7.63 14.22 2.34
N PRO A 91 8.49 14.19 3.35
CA PRO A 91 8.05 13.69 4.65
C PRO A 91 7.10 14.68 5.30
N GLY A 92 6.21 14.13 6.12
CA GLY A 92 5.37 14.97 6.95
C GLY A 92 6.11 15.44 8.18
N GLU A 93 5.38 16.19 9.00
CA GLU A 93 6.00 16.71 10.21
C GLU A 93 6.16 15.60 11.26
N ALA A 94 7.06 15.89 12.20
CA ALA A 94 7.37 14.96 13.28
C ALA A 94 6.20 14.83 14.24
N SER A 95 6.03 13.61 14.72
CA SER A 95 5.18 13.36 15.86
C SER A 95 5.71 14.07 17.10
N ASP A 96 4.86 14.09 18.13
CA ASP A 96 5.36 14.38 19.46
C ASP A 96 6.38 13.32 19.84
N SER A 97 7.29 13.69 20.73
CA SER A 97 8.32 12.78 21.17
C SER A 97 7.78 11.87 22.26
N VAL A 98 8.31 10.64 22.31
CA VAL A 98 7.99 9.69 23.36
C VAL A 98 9.27 9.13 23.97
N LEU A 99 9.24 8.91 25.28
CA LEU A 99 10.34 8.26 25.99
C LEU A 99 10.06 6.76 26.04
N MET A 100 11.04 5.96 25.65
CA MET A 100 10.93 4.50 25.69
C MET A 100 11.15 3.99 27.11
N LYS A 101 10.09 3.45 27.70
CA LYS A 101 10.17 2.89 29.04
C LYS A 101 9.00 1.92 29.17
N ASP A 102 9.22 0.81 29.86
CA ASP A 102 8.12 -0.10 30.16
C ASP A 102 7.18 0.63 31.11
N ALA A 103 5.89 0.58 30.81
CA ALA A 103 4.90 1.23 31.65
C ALA A 103 4.91 0.61 33.04
N ALA A 104 4.61 1.42 34.04
CA ALA A 104 4.51 0.94 35.42
C ALA A 104 3.20 0.18 35.59
N TYR A 105 3.00 -0.35 36.79
CA TYR A 105 1.76 -1.06 37.11
N SER B 2 -9.60 -10.84 19.03
CA SER B 2 -8.26 -10.43 18.64
C SER B 2 -7.64 -11.34 17.59
N SER B 3 -8.37 -12.37 17.19
CA SER B 3 -7.96 -13.27 16.12
C SER B 3 -8.93 -13.19 14.96
N GLY B 4 -9.63 -12.06 14.83
CA GLY B 4 -10.76 -11.95 13.94
C GLY B 4 -10.69 -10.82 12.95
N PRO B 5 -11.69 -10.77 12.10
CA PRO B 5 -11.71 -9.77 11.04
C PRO B 5 -11.93 -8.38 11.61
N PRO B 6 -11.66 -7.35 10.81
CA PRO B 6 -11.84 -5.99 11.27
C PRO B 6 -13.30 -5.58 11.37
N GLY B 7 -13.49 -4.40 11.97
CA GLY B 7 -14.76 -3.71 11.95
C GLY B 7 -14.99 -3.00 10.63
N PRO B 8 -16.13 -2.33 10.53
CA PRO B 8 -16.48 -1.61 9.29
C PRO B 8 -15.74 -0.30 9.17
N PRO B 9 -15.36 0.09 7.97
CA PRO B 9 -15.03 1.51 7.73
C PRO B 9 -16.27 2.38 7.88
N GLU B 10 -16.04 3.67 8.03
CA GLU B 10 -17.14 4.63 8.03
C GLU B 10 -17.72 4.79 6.62
N LYS B 11 -18.81 5.54 6.55
CA LYS B 11 -19.51 5.76 5.30
C LYS B 11 -18.57 6.34 4.25
N PRO B 12 -18.49 5.77 3.06
CA PRO B 12 -17.60 6.31 2.04
C PRO B 12 -18.19 7.55 1.38
N GLU B 13 -17.30 8.32 0.76
CA GLU B 13 -17.65 9.52 0.01
C GLU B 13 -17.37 9.28 -1.46
N VAL B 14 -18.24 9.81 -2.31
CA VAL B 14 -18.13 9.65 -3.76
C VAL B 14 -17.83 11.01 -4.39
N SER B 15 -16.89 11.03 -5.33
CA SER B 15 -16.48 12.27 -5.99
C SER B 15 -16.11 11.95 -7.43
N ASN B 16 -15.84 13.01 -8.20
CA ASN B 16 -15.38 12.86 -9.58
C ASN B 16 -16.34 12.02 -10.41
N VAL B 17 -17.64 12.28 -10.27
CA VAL B 17 -18.62 11.46 -10.98
C VAL B 17 -18.63 11.84 -12.46
N THR B 18 -18.54 10.84 -13.32
CA THR B 18 -18.69 10.97 -14.75
C THR B 18 -19.79 10.04 -15.23
N LYS B 19 -19.99 9.98 -16.54
CA LYS B 19 -21.08 9.17 -17.06
C LYS B 19 -20.91 7.69 -16.71
N ASN B 20 -19.67 7.21 -16.56
CA ASN B 20 -19.42 5.79 -16.31
C ASN B 20 -18.51 5.49 -15.13
N THR B 21 -17.99 6.50 -14.44
CA THR B 21 -17.00 6.27 -13.41
C THR B 21 -17.22 7.17 -12.20
N ALA B 22 -16.57 6.81 -11.12
CA ALA B 22 -16.55 7.66 -9.94
C ALA B 22 -15.37 7.28 -9.06
N THR B 23 -15.00 8.19 -8.18
CA THR B 23 -14.02 7.90 -7.14
C THR B 23 -14.76 7.67 -5.83
N VAL B 24 -14.43 6.56 -5.17
CA VAL B 24 -14.97 6.22 -3.86
C VAL B 24 -13.82 6.30 -2.86
N SER B 25 -14.04 6.99 -1.75
CA SER B 25 -13.02 7.18 -0.73
CA SER B 25 -13.01 7.14 -0.74
C SER B 25 -13.57 6.81 0.63
N TRP B 26 -12.69 6.34 1.52
CA TRP B 26 -13.11 5.92 2.85
C TRP B 26 -11.94 6.11 3.81
N LYS B 27 -12.18 5.73 5.07
CA LYS B 27 -11.19 5.79 6.13
C LYS B 27 -10.91 4.40 6.67
N ARG B 28 -9.77 4.26 7.34
CA ARG B 28 -9.42 2.98 7.94
C ARG B 28 -10.43 2.67 9.04
N PRO B 29 -10.86 1.42 9.16
CA PRO B 29 -11.77 1.09 10.27
C PRO B 29 -11.12 1.41 11.59
N VAL B 30 -11.94 1.89 12.53
CA VAL B 30 -11.45 2.14 13.88
C VAL B 30 -11.02 0.83 14.54
N ASP B 31 -11.69 -0.27 14.21
CA ASP B 31 -11.41 -1.60 14.76
C ASP B 31 -10.73 -2.40 13.67
N ASP B 32 -9.44 -2.66 13.83
CA ASP B 32 -8.71 -3.48 12.85
C ASP B 32 -8.66 -4.96 13.22
N GLY B 33 -9.37 -5.37 14.26
CA GLY B 33 -9.34 -6.77 14.64
C GLY B 33 -8.06 -7.23 15.27
N GLY B 34 -7.10 -6.35 15.51
CA GLY B 34 -5.84 -6.75 16.10
C GLY B 34 -4.78 -7.18 15.13
N SER B 35 -4.97 -6.93 13.83
CA SER B 35 -3.99 -7.27 12.82
CA SER B 35 -3.93 -7.21 12.86
C SER B 35 -4.05 -6.21 11.73
N GLU B 36 -2.96 -6.12 10.96
CA GLU B 36 -2.85 -5.13 9.90
C GLU B 36 -3.97 -5.28 8.89
N ILE B 37 -4.45 -4.14 8.39
CA ILE B 37 -5.39 -4.17 7.28
C ILE B 37 -4.58 -4.46 6.02
N THR B 38 -5.03 -5.45 5.26
CA THR B 38 -4.36 -5.84 4.04
C THR B 38 -5.09 -5.41 2.78
N GLY B 39 -6.34 -4.96 2.89
CA GLY B 39 -7.09 -4.59 1.71
C GLY B 39 -8.51 -4.23 2.04
N TYR B 40 -9.20 -3.74 1.02
CA TYR B 40 -10.58 -3.30 1.10
C TYR B 40 -11.35 -3.84 -0.09
N HIS B 41 -12.61 -4.16 0.15
CA HIS B 41 -13.51 -4.67 -0.87
C HIS B 41 -14.64 -3.66 -1.04
N VAL B 42 -14.97 -3.34 -2.29
CA VAL B 42 -15.96 -2.32 -2.61
C VAL B 42 -17.10 -2.98 -3.38
N GLU B 43 -18.31 -2.78 -2.91
CA GLU B 43 -19.51 -3.24 -3.59
C GLU B 43 -20.40 -2.06 -3.96
N ARG B 44 -21.25 -2.28 -4.96
CA ARG B 44 -22.20 -1.26 -5.39
C ARG B 44 -23.59 -1.86 -5.46
N ARG B 45 -24.59 -0.98 -5.42
CA ARG B 45 -25.96 -1.39 -5.66
C ARG B 45 -26.66 -0.31 -6.46
N GLU B 46 -27.32 -0.69 -7.55
CA GLU B 46 -28.06 0.27 -8.36
C GLU B 46 -29.45 0.50 -7.76
N LYS B 47 -29.96 1.71 -7.98
CA LYS B 47 -31.21 2.13 -7.35
C LYS B 47 -32.38 1.18 -7.59
N LYS B 48 -32.49 0.63 -8.79
CA LYS B 48 -33.61 -0.25 -9.10
C LYS B 48 -33.43 -1.66 -8.56
N SER B 49 -32.30 -1.95 -7.94
CA SER B 49 -31.94 -3.32 -7.58
C SER B 49 -31.83 -3.50 -6.08
N LEU B 50 -32.12 -4.72 -5.64
CA LEU B 50 -31.87 -5.14 -4.28
C LEU B 50 -30.52 -5.83 -4.11
N ARG B 51 -29.77 -6.04 -5.19
CA ARG B 51 -28.57 -6.87 -5.15
C ARG B 51 -27.29 -6.05 -5.04
N TRP B 52 -26.44 -6.38 -4.09
CA TRP B 52 -25.10 -5.84 -4.05
C TRP B 52 -24.18 -6.65 -4.95
N VAL B 53 -23.30 -5.96 -5.67
CA VAL B 53 -22.39 -6.58 -6.62
CA VAL B 53 -22.39 -6.58 -6.62
C VAL B 53 -21.00 -6.00 -6.39
N ARG B 54 -19.98 -6.82 -6.62
CA ARG B 54 -18.61 -6.32 -6.50
C ARG B 54 -18.40 -5.20 -7.50
N ALA B 55 -17.77 -4.11 -7.05
CA ALA B 55 -17.63 -2.91 -7.87
C ALA B 55 -16.24 -2.76 -8.47
N ILE B 56 -15.28 -3.59 -8.03
CA ILE B 56 -13.90 -3.52 -8.47
C ILE B 56 -13.37 -4.92 -8.74
N LYS B 57 -12.30 -5.00 -9.52
CA LYS B 57 -11.84 -6.30 -9.99
C LYS B 57 -11.11 -7.09 -8.92
N THR B 58 -10.38 -6.41 -8.04
CA THR B 58 -9.59 -7.04 -6.99
CA THR B 58 -9.64 -7.06 -6.97
C THR B 58 -9.53 -6.06 -5.83
N PRO B 59 -9.45 -6.55 -4.58
CA PRO B 59 -9.32 -5.61 -3.46
C PRO B 59 -8.14 -4.66 -3.63
N VAL B 60 -8.25 -3.50 -3.01
CA VAL B 60 -7.22 -2.48 -3.08
C VAL B 60 -6.70 -2.26 -1.67
N SER B 61 -5.48 -1.75 -1.58
CA SER B 61 -4.90 -1.46 -0.28
C SER B 61 -5.03 0.00 0.12
N ASP B 62 -5.18 0.91 -0.84
CA ASP B 62 -5.34 2.33 -0.57
C ASP B 62 -6.76 2.59 -0.08
N LEU B 63 -7.00 3.79 0.45
CA LEU B 63 -8.30 4.20 0.97
C LEU B 63 -9.15 4.91 -0.05
N ARG B 64 -8.91 4.69 -1.32
CA ARG B 64 -9.83 5.17 -2.33
C ARG B 64 -9.56 4.39 -3.59
N CYS B 65 -10.54 4.42 -4.48
CA CYS B 65 -10.40 3.73 -5.74
C CYS B 65 -11.32 4.36 -6.77
N LYS B 66 -10.95 4.20 -8.04
CA LYS B 66 -11.81 4.61 -9.14
C LYS B 66 -12.65 3.41 -9.58
N VAL B 67 -13.96 3.57 -9.49
CA VAL B 67 -14.91 2.57 -9.92
CA VAL B 67 -14.91 2.56 -9.93
C VAL B 67 -15.33 2.90 -11.35
N THR B 68 -15.40 1.89 -12.19
CA THR B 68 -15.74 2.07 -13.59
C THR B 68 -16.81 1.06 -13.98
N GLY B 69 -17.21 1.09 -15.24
CA GLY B 69 -18.20 0.15 -15.72
C GLY B 69 -19.61 0.42 -15.26
N LEU B 70 -19.93 1.67 -14.92
CA LEU B 70 -21.25 2.02 -14.41
C LEU B 70 -22.09 2.58 -15.55
N GLN B 71 -23.40 2.35 -15.49
CA GLN B 71 -24.29 2.73 -16.57
C GLN B 71 -24.65 4.20 -16.46
N GLU B 72 -24.47 4.96 -17.54
CA GLU B 72 -24.92 6.35 -17.55
C GLU B 72 -26.42 6.38 -17.30
N GLY B 73 -26.84 7.26 -16.40
CA GLY B 73 -28.24 7.44 -16.08
C GLY B 73 -28.76 6.56 -14.98
N SER B 74 -27.99 5.57 -14.55
CA SER B 74 -28.32 4.77 -13.38
C SER B 74 -27.79 5.46 -12.14
N THR B 75 -28.28 5.02 -10.99
CA THR B 75 -27.95 5.62 -9.71
C THR B 75 -27.38 4.53 -8.80
N TYR B 76 -26.25 4.83 -8.16
CA TYR B 76 -25.56 3.80 -7.39
C TYR B 76 -25.17 4.30 -6.00
N GLU B 77 -25.17 3.36 -5.06
CA GLU B 77 -24.58 3.50 -3.75
C GLU B 77 -23.44 2.49 -3.62
N PHE B 78 -22.48 2.78 -2.74
CA PHE B 78 -21.29 1.96 -2.57
C PHE B 78 -21.06 1.69 -1.09
N ARG B 79 -20.48 0.53 -0.78
CA ARG B 79 -20.11 0.18 0.58
C ARG B 79 -18.75 -0.50 0.55
N VAL B 80 -18.02 -0.40 1.66
CA VAL B 80 -16.65 -0.88 1.74
C VAL B 80 -16.51 -1.80 2.94
N SER B 81 -15.74 -2.87 2.77
CA SER B 81 -15.40 -3.80 3.84
C SER B 81 -13.89 -3.87 3.92
N ALA B 82 -13.35 -4.00 5.13
CA ALA B 82 -11.92 -4.11 5.34
C ALA B 82 -11.54 -5.58 5.56
N GLU B 83 -10.31 -5.91 5.19
CA GLU B 83 -9.78 -7.26 5.34
C GLU B 83 -8.48 -7.18 6.12
N ASN B 84 -8.28 -8.11 7.05
CA ASN B 84 -7.00 -8.24 7.71
C ASN B 84 -6.52 -9.67 7.52
N ARG B 85 -5.44 -10.06 8.20
CA ARG B 85 -4.93 -11.40 7.99
C ARG B 85 -5.92 -12.48 8.43
N ALA B 86 -6.93 -12.12 9.23
CA ALA B 86 -7.94 -13.08 9.64
C ALA B 86 -9.17 -13.10 8.74
N GLY B 87 -9.28 -12.19 7.77
CA GLY B 87 -10.35 -12.25 6.80
C GLY B 87 -11.07 -10.93 6.69
N ILE B 88 -12.25 -10.97 6.03
CA ILE B 88 -13.01 -9.79 5.64
C ILE B 88 -14.09 -9.48 6.67
N GLY B 89 -14.13 -8.20 7.11
CA GLY B 89 -15.11 -7.75 8.07
C GLY B 89 -16.41 -7.31 7.42
N PRO B 90 -17.35 -6.84 8.23
CA PRO B 90 -18.65 -6.43 7.69
C PRO B 90 -18.53 -5.14 6.90
N PRO B 91 -19.40 -4.93 5.93
CA PRO B 91 -19.40 -3.64 5.23
C PRO B 91 -19.86 -2.49 6.11
N GLY B 92 -19.33 -1.31 5.83
CA GLY B 92 -19.80 -0.12 6.48
C GLY B 92 -21.10 0.38 5.91
N GLU B 93 -21.58 1.47 6.48
CA GLU B 93 -22.72 2.19 5.93
C GLU B 93 -22.47 2.59 4.47
N ALA B 94 -23.55 2.58 3.69
CA ALA B 94 -23.43 2.90 2.28
C ALA B 94 -23.33 4.39 2.03
N SER B 95 -22.64 4.72 0.94
CA SER B 95 -22.50 6.10 0.52
C SER B 95 -23.85 6.68 0.12
N ASP B 96 -23.91 8.01 0.11
CA ASP B 96 -25.02 8.70 -0.52
C ASP B 96 -25.07 8.31 -1.98
N SER B 97 -26.26 8.09 -2.50
CA SER B 97 -26.38 7.60 -3.87
CA SER B 97 -26.37 7.59 -3.87
C SER B 97 -26.02 8.70 -4.87
N VAL B 98 -25.46 8.29 -6.00
CA VAL B 98 -25.09 9.23 -7.06
C VAL B 98 -25.69 8.81 -8.40
N LEU B 99 -26.18 9.79 -9.13
CA LEU B 99 -26.63 9.60 -10.50
C LEU B 99 -25.43 9.69 -11.42
N MET B 100 -25.26 8.70 -12.29
CA MET B 100 -24.14 8.68 -13.21
C MET B 100 -24.42 9.64 -14.37
N LYS B 101 -23.61 10.68 -14.47
CA LYS B 101 -23.78 11.73 -15.44
C LYS B 101 -22.42 12.40 -15.54
N ASP B 102 -22.15 13.06 -16.66
CA ASP B 102 -20.92 13.85 -16.69
C ASP B 102 -21.17 15.05 -15.79
N ALA B 103 -20.83 14.93 -14.50
CA ALA B 103 -21.21 15.93 -13.51
C ALA B 103 -20.30 17.14 -13.60
N ALA B 104 -20.82 18.29 -13.18
CA ALA B 104 -20.08 19.53 -13.26
C ALA B 104 -19.47 19.83 -11.91
N SER C 3 5.16 -16.63 11.05
CA SER C 3 4.87 -17.99 10.64
C SER C 3 5.79 -18.44 9.50
N GLY C 4 5.43 -18.08 8.26
CA GLY C 4 6.17 -18.52 7.10
C GLY C 4 6.58 -17.38 6.19
N PRO C 5 7.08 -17.73 5.01
CA PRO C 5 7.48 -16.69 4.06
C PRO C 5 6.29 -15.92 3.53
N PRO C 6 6.52 -14.78 2.89
CA PRO C 6 5.41 -13.99 2.37
C PRO C 6 4.74 -14.67 1.19
N GLY C 7 3.53 -14.17 0.87
CA GLY C 7 2.89 -14.44 -0.38
C GLY C 7 3.45 -13.59 -1.49
N PRO C 8 2.86 -13.73 -2.67
CA PRO C 8 3.37 -13.01 -3.85
C PRO C 8 2.99 -11.56 -3.80
N PRO C 9 3.87 -10.66 -4.23
CA PRO C 9 3.45 -9.29 -4.57
C PRO C 9 2.58 -9.29 -5.81
N GLU C 10 1.88 -8.18 -6.05
CA GLU C 10 1.14 -8.04 -7.29
C GLU C 10 2.11 -7.74 -8.43
N LYS C 11 1.58 -7.64 -9.65
CA LYS C 11 2.43 -7.39 -10.80
C LYS C 11 3.02 -5.98 -10.70
N PRO C 12 4.29 -5.81 -11.07
CA PRO C 12 4.90 -4.50 -10.97
C PRO C 12 4.59 -3.64 -12.19
N GLU C 13 4.95 -2.38 -12.05
CA GLU C 13 4.83 -1.37 -13.10
CA GLU C 13 4.83 -1.40 -13.13
C GLU C 13 6.23 -0.97 -13.57
N VAL C 14 6.38 -0.70 -14.86
CA VAL C 14 7.68 -0.34 -15.43
C VAL C 14 7.60 1.07 -16.00
N SER C 15 8.65 1.87 -15.76
CA SER C 15 8.71 3.26 -16.18
C SER C 15 10.15 3.65 -16.47
N ASN C 16 10.33 4.84 -17.06
CA ASN C 16 11.67 5.39 -17.33
C ASN C 16 12.53 4.44 -18.16
N VAL C 17 11.95 3.91 -19.23
CA VAL C 17 12.66 2.97 -20.10
C VAL C 17 13.71 3.69 -20.92
N THR C 18 14.94 3.17 -20.91
CA THR C 18 16.01 3.62 -21.80
C THR C 18 16.52 2.42 -22.61
N LYS C 19 17.67 2.58 -23.25
CA LYS C 19 18.20 1.46 -24.04
C LYS C 19 18.70 0.32 -23.16
N ASN C 20 19.17 0.63 -21.94
CA ASN C 20 19.68 -0.40 -21.05
C ASN C 20 19.07 -0.39 -19.64
N THR C 21 18.19 0.55 -19.30
CA THR C 21 17.74 0.71 -17.92
C THR C 21 16.24 0.93 -17.84
N ALA C 22 15.68 0.71 -16.63
CA ALA C 22 14.28 1.02 -16.35
C ALA C 22 14.06 1.11 -14.84
N THR C 23 12.92 1.68 -14.47
CA THR C 23 12.44 1.71 -13.09
C THR C 23 11.28 0.72 -12.98
N VAL C 24 11.31 -0.10 -11.95
CA VAL C 24 10.26 -1.08 -11.65
C VAL C 24 9.71 -0.76 -10.27
N SER C 25 8.39 -0.79 -10.13
CA SER C 25 7.76 -0.46 -8.86
C SER C 25 6.65 -1.46 -8.60
N TRP C 26 6.30 -1.66 -7.33
CA TRP C 26 5.35 -2.71 -6.99
C TRP C 26 4.67 -2.41 -5.67
N LYS C 27 3.79 -3.32 -5.28
CA LYS C 27 3.06 -3.24 -4.03
C LYS C 27 3.46 -4.37 -3.10
N ARG C 28 3.26 -4.12 -1.81
CA ARG C 28 3.51 -5.11 -0.78
C ARG C 28 2.60 -6.31 -1.02
N PRO C 29 3.07 -7.54 -0.76
CA PRO C 29 2.14 -8.67 -0.79
C PRO C 29 1.03 -8.49 0.22
N VAL C 30 -0.18 -8.90 -0.16
CA VAL C 30 -1.31 -8.87 0.76
C VAL C 30 -1.05 -9.74 1.97
N ASP C 31 -0.25 -10.79 1.80
CA ASP C 31 0.10 -11.73 2.86
C ASP C 31 1.60 -11.62 3.10
N ASP C 32 1.99 -11.02 4.23
CA ASP C 32 3.41 -10.88 4.53
C ASP C 32 3.96 -12.07 5.29
N GLY C 33 3.17 -13.12 5.44
CA GLY C 33 3.59 -14.31 6.15
C GLY C 33 3.58 -14.18 7.65
N GLY C 34 3.19 -13.03 8.18
CA GLY C 34 3.15 -12.84 9.61
C GLY C 34 4.39 -12.24 10.23
N SER C 35 5.33 -11.76 9.43
CA SER C 35 6.48 -11.05 9.96
C SER C 35 6.88 -9.98 8.95
N GLU C 36 7.75 -9.09 9.40
CA GLU C 36 8.11 -7.94 8.60
C GLU C 36 8.83 -8.35 7.32
N ILE C 37 8.47 -7.70 6.21
CA ILE C 37 9.16 -7.89 4.94
CA ILE C 37 9.18 -7.91 4.96
C ILE C 37 10.53 -7.22 5.04
N THR C 38 11.58 -7.98 4.78
CA THR C 38 12.93 -7.45 4.85
C THR C 38 13.45 -6.95 3.51
N GLY C 39 12.84 -7.38 2.40
CA GLY C 39 13.31 -6.96 1.09
C GLY C 39 12.60 -7.72 0.01
N TYR C 40 12.90 -7.33 -1.23
CA TYR C 40 12.27 -7.87 -2.42
C TYR C 40 13.31 -8.23 -3.45
N HIS C 41 13.00 -9.23 -4.27
CA HIS C 41 13.80 -9.55 -5.43
C HIS C 41 13.04 -9.24 -6.69
N VAL C 42 13.75 -8.70 -7.67
CA VAL C 42 13.18 -8.39 -8.97
C VAL C 42 13.78 -9.31 -10.01
N GLU C 43 12.93 -9.95 -10.80
CA GLU C 43 13.34 -10.83 -11.87
C GLU C 43 12.83 -10.31 -13.21
N ARG C 44 13.50 -10.72 -14.28
CA ARG C 44 13.13 -10.33 -15.63
C ARG C 44 13.17 -11.56 -16.52
N ARG C 45 12.37 -11.54 -17.58
CA ARG C 45 12.43 -12.58 -18.61
C ARG C 45 12.35 -11.90 -19.97
N GLU C 46 13.26 -12.28 -20.86
CA GLU C 46 13.26 -11.74 -22.21
C GLU C 46 12.37 -12.57 -23.11
N LYS C 47 11.81 -11.92 -24.14
CA LYS C 47 10.82 -12.54 -25.01
C LYS C 47 11.27 -13.86 -25.61
N LYS C 48 12.56 -14.01 -25.91
CA LYS C 48 13.07 -15.23 -26.55
C LYS C 48 13.49 -16.30 -25.55
N SER C 49 13.25 -16.09 -24.26
CA SER C 49 13.71 -17.00 -23.22
C SER C 49 12.53 -17.53 -22.42
N LEU C 50 12.65 -18.80 -22.02
CA LEU C 50 11.70 -19.40 -21.10
C LEU C 50 12.05 -19.14 -19.64
N ARG C 51 13.25 -18.62 -19.37
CA ARG C 51 13.80 -18.57 -18.01
C ARG C 51 13.73 -17.17 -17.42
N TRP C 52 13.28 -17.10 -16.17
CA TRP C 52 13.38 -15.87 -15.41
C TRP C 52 14.75 -15.75 -14.77
N VAL C 53 15.31 -14.54 -14.76
CA VAL C 53 16.59 -14.28 -14.11
C VAL C 53 16.49 -13.05 -13.23
N ARG C 54 17.40 -12.97 -12.25
CA ARG C 54 17.40 -11.82 -11.36
C ARG C 54 17.84 -10.58 -12.13
N ALA C 55 17.03 -9.53 -12.02
CA ALA C 55 17.31 -8.27 -12.69
C ALA C 55 18.24 -7.38 -11.87
N ILE C 56 18.30 -7.63 -10.57
CA ILE C 56 19.24 -7.02 -9.64
C ILE C 56 19.58 -8.11 -8.65
N LYS C 57 20.83 -8.14 -8.19
CA LYS C 57 21.27 -9.25 -7.34
C LYS C 57 20.80 -9.09 -5.90
N THR C 58 21.02 -7.93 -5.32
CA THR C 58 20.73 -7.70 -3.91
CA THR C 58 20.74 -7.66 -3.92
C THR C 58 19.24 -7.49 -3.69
N PRO C 59 18.74 -7.85 -2.50
CA PRO C 59 17.36 -7.50 -2.19
C PRO C 59 17.18 -5.99 -2.15
N VAL C 60 15.99 -5.56 -2.53
CA VAL C 60 15.60 -4.15 -2.53
C VAL C 60 14.72 -3.93 -1.30
N SER C 61 15.11 -2.97 -0.46
CA SER C 61 14.37 -2.66 0.77
C SER C 61 13.40 -1.52 0.54
N ASP C 62 12.57 -1.66 -0.49
CA ASP C 62 11.69 -0.58 -0.93
C ASP C 62 10.68 -1.20 -1.88
N LEU C 63 9.78 -0.36 -2.39
CA LEU C 63 8.75 -0.79 -3.34
C LEU C 63 9.07 -0.36 -4.76
N ARG C 64 10.32 0.00 -5.04
CA ARG C 64 10.72 0.40 -6.38
C ARG C 64 12.23 0.28 -6.46
N CYS C 65 12.74 0.20 -7.69
CA CYS C 65 14.18 0.19 -7.89
C CYS C 65 14.49 0.54 -9.33
N LYS C 66 15.76 0.83 -9.59
CA LYS C 66 16.27 1.04 -10.94
CA LYS C 66 16.28 1.04 -10.93
C LYS C 66 17.01 -0.22 -11.35
N VAL C 67 16.66 -0.74 -12.53
CA VAL C 67 17.29 -1.93 -13.08
C VAL C 67 18.16 -1.50 -14.26
N THR C 68 19.32 -2.11 -14.38
CA THR C 68 20.26 -1.78 -15.45
C THR C 68 20.74 -3.06 -16.12
N GLY C 69 21.62 -2.90 -17.10
CA GLY C 69 22.19 -4.04 -17.79
C GLY C 69 21.28 -4.74 -18.76
N LEU C 70 20.19 -4.10 -19.16
CA LEU C 70 19.24 -4.70 -20.07
C LEU C 70 19.77 -4.56 -21.49
N GLN C 71 19.38 -5.50 -22.34
CA GLN C 71 19.91 -5.57 -23.70
C GLN C 71 19.08 -4.68 -24.61
N GLU C 72 19.72 -3.68 -25.21
CA GLU C 72 19.04 -2.83 -26.17
C GLU C 72 18.42 -3.68 -27.29
N GLY C 73 17.19 -3.35 -27.66
CA GLY C 73 16.45 -4.06 -28.67
C GLY C 73 15.63 -5.25 -28.20
N SER C 74 15.72 -5.60 -26.93
CA SER C 74 15.02 -6.77 -26.40
C SER C 74 13.76 -6.35 -25.65
N THR C 75 12.90 -7.32 -25.37
CA THR C 75 11.60 -7.09 -24.77
C THR C 75 11.52 -7.89 -23.49
N TYR C 76 11.17 -7.22 -22.40
CA TYR C 76 11.23 -7.83 -21.08
C TYR C 76 9.90 -7.72 -20.34
N GLU C 77 9.62 -8.74 -19.56
CA GLU C 77 8.63 -8.69 -18.49
C GLU C 77 9.36 -8.80 -17.16
N PHE C 78 8.75 -8.26 -16.11
CA PHE C 78 9.37 -8.26 -14.80
C PHE C 78 8.41 -8.81 -13.76
N ARG C 79 8.96 -9.40 -12.70
CA ARG C 79 8.13 -9.85 -11.59
C ARG C 79 8.92 -9.67 -10.30
N VAL C 80 8.22 -9.76 -9.17
CA VAL C 80 8.79 -9.46 -7.86
C VAL C 80 8.44 -10.55 -6.88
N SER C 81 9.39 -10.87 -6.00
CA SER C 81 9.12 -11.74 -4.85
CA SER C 81 9.19 -11.76 -4.87
C SER C 81 9.57 -11.03 -3.59
N ALA C 82 9.01 -11.46 -2.46
CA ALA C 82 9.28 -10.82 -1.18
C ALA C 82 9.94 -11.81 -0.22
N GLU C 83 10.69 -11.27 0.74
CA GLU C 83 11.26 -12.13 1.77
CA GLU C 83 11.39 -12.03 1.76
C GLU C 83 11.02 -11.52 3.14
N ASN C 84 10.99 -12.42 4.13
CA ASN C 84 10.86 -12.07 5.53
C ASN C 84 11.81 -12.95 6.34
N ARG C 85 11.66 -12.96 7.66
CA ARG C 85 12.60 -13.73 8.48
C ARG C 85 12.53 -15.23 8.21
N ALA C 86 11.45 -15.72 7.61
CA ALA C 86 11.37 -17.14 7.31
C ALA C 86 12.03 -17.49 5.98
N GLY C 87 12.14 -16.52 5.08
CA GLY C 87 12.73 -16.76 3.78
C GLY C 87 11.93 -16.07 2.69
N ILE C 88 12.15 -16.52 1.47
CA ILE C 88 11.56 -15.92 0.28
C ILE C 88 10.24 -16.59 -0.05
N GLY C 89 9.28 -15.78 -0.53
CA GLY C 89 8.03 -16.28 -1.00
C GLY C 89 8.03 -16.50 -2.51
N PRO C 90 6.88 -16.90 -3.04
CA PRO C 90 6.76 -17.13 -4.48
C PRO C 90 6.70 -15.81 -5.23
N PRO C 91 7.09 -15.81 -6.50
CA PRO C 91 7.01 -14.57 -7.28
C PRO C 91 5.58 -14.24 -7.62
N GLY C 92 5.36 -12.95 -7.86
CA GLY C 92 4.09 -12.45 -8.32
C GLY C 92 3.96 -12.55 -9.84
N GLU C 93 2.84 -12.01 -10.33
CA GLU C 93 2.52 -12.01 -11.76
CA GLU C 93 2.59 -12.08 -11.76
C GLU C 93 3.50 -11.10 -12.51
N ALA C 94 3.63 -11.36 -13.80
CA ALA C 94 4.53 -10.61 -14.66
C ALA C 94 3.93 -9.26 -15.04
N SER C 95 4.81 -8.27 -15.14
CA SER C 95 4.45 -6.95 -15.65
C SER C 95 4.06 -7.03 -17.12
N ASP C 96 3.49 -5.94 -17.61
CA ASP C 96 3.40 -5.72 -19.04
C ASP C 96 4.82 -5.70 -19.63
N SER C 97 4.94 -6.07 -20.90
CA SER C 97 6.26 -6.12 -21.50
C SER C 97 6.68 -4.74 -22.02
N VAL C 98 7.99 -4.49 -22.00
CA VAL C 98 8.55 -3.24 -22.50
C VAL C 98 9.71 -3.54 -23.45
N LEU C 99 9.79 -2.78 -24.53
CA LEU C 99 10.89 -2.87 -25.48
C LEU C 99 12.00 -1.90 -25.06
N MET C 100 13.23 -2.37 -25.04
CA MET C 100 14.34 -1.56 -24.57
C MET C 100 14.83 -0.66 -25.70
N LYS C 101 14.55 0.63 -25.58
CA LYS C 101 14.96 1.61 -26.57
C LYS C 101 15.11 2.96 -25.84
ZN ZN D . 9.97 3.86 -1.11
CL CL E . -6.96 8.76 6.14
ZN ZN F . -10.44 -10.38 0.27
ZN ZN G . 2.58 -7.79 8.84
ZN ZN H . -13.86 -8.23 -2.88
CL CL I . -13.69 -6.39 -4.01
ZN ZN J . 17.14 -12.85 -1.02
CL CL K . 10.81 5.34 -2.51
CL CL L . 2.98 -9.06 10.50
CL CL M . 3.27 -5.86 9.05
#